data_2GCB
#
_entry.id   2GCB
#
_cell.length_a   53.62
_cell.length_b   45.32
_cell.length_c   84.83
_cell.angle_alpha   90.0
_cell.angle_beta   107.85
_cell.angle_gamma   90.0
#
_symmetry.space_group_name_H-M   'P 1 21 1'
#
loop_
_entity.id
_entity.type
_entity.pdbx_description
1 polymer 'Folylpolyglutamate synthase'
2 water water
#
_entity_poly.entity_id   1
_entity_poly.type   'polypeptide(L)'
_entity_poly.pdbx_seq_one_letter_code
;MNYTETVAYIHSFPRLAKTGDHRRILTLLHALGNPQQQGRYIHVTGTNGKSTAANAIAHVLEASGLTVGLYTSPFIMRFN
ERIMIDHEPIPDAALVNAVAFVRAALERLQQQQADFNVTEFEFITALGYWYFRQRQVDVAVIEVGIGGDTDSTNVITPVV
SVLTSVALDHQKLLGHTITAIAKHKAGIIKRGIPVVTGNLVPDAAAVVAAKVATTGSQWLRFDRDFSVPKAKLHGWGQRF
TYEDQDGRISDLEVPLVGDYQQRNMAIAIQTAKVYAKQTEWPLTPQNIRQGLAASHWPARLEKISDTPLIVIDGAHNPDG
INGLITALKQLFSQPITVIAGILADKDYAAMADRLTAAFSTVYLVPVPGTPRALPEAGYEALHEGRLKDSWQEALAASLN
DVPDQPIVITGSLYLASAVRQTLLGGKS
;
_entity_poly.pdbx_strand_id   A
#
# COMPACT_ATOMS: atom_id res chain seq x y z
N MET A 1 13.82 4.54 26.57
CA MET A 1 13.69 5.58 25.51
C MET A 1 12.27 6.13 25.46
N ASN A 2 12.12 7.37 25.03
CA ASN A 2 10.81 7.98 24.88
C ASN A 2 10.40 7.71 23.45
N TYR A 3 9.28 8.26 23.02
CA TYR A 3 8.82 8.03 21.66
C TYR A 3 9.85 8.43 20.61
N THR A 4 10.36 9.65 20.74
CA THR A 4 11.33 10.18 19.78
C THR A 4 12.62 9.35 19.69
N GLU A 5 13.19 8.97 20.81
CA GLU A 5 14.42 8.18 20.80
C GLU A 5 14.14 6.81 20.20
N THR A 6 12.92 6.31 20.43
CA THR A 6 12.49 5.02 19.92
C THR A 6 12.47 4.97 18.40
N VAL A 7 11.89 5.99 17.78
CA VAL A 7 11.83 6.07 16.33
C VAL A 7 13.25 6.22 15.77
N ALA A 8 14.06 7.04 16.43
CA ALA A 8 15.44 7.25 16.01
C ALA A 8 16.20 5.93 16.06
N TYR A 9 15.91 5.14 17.08
CA TYR A 9 16.54 3.84 17.26
C TYR A 9 16.23 2.90 16.09
N ILE A 10 14.98 2.91 15.63
CA ILE A 10 14.54 2.08 14.51
C ILE A 10 15.25 2.48 13.21
N HIS A 11 15.44 3.78 13.00
CA HIS A 11 16.10 4.26 11.80
C HIS A 11 17.61 4.14 11.82
N SER A 12 18.17 3.74 12.95
CA SER A 12 19.62 3.61 13.06
C SER A 12 20.13 2.24 12.61
N PHE A 13 19.23 1.29 12.42
CA PHE A 13 19.65 -0.04 12.01
C PHE A 13 20.47 -0.07 10.71
N PRO A 14 21.45 -0.98 10.65
CA PRO A 14 22.36 -1.17 9.53
C PRO A 14 21.78 -1.75 8.25
N ARG A 15 22.41 -1.41 7.13
CA ARG A 15 22.03 -1.90 5.81
C ARG A 15 22.78 -3.21 5.60
N LEU A 16 22.28 -4.29 6.19
CA LEU A 16 22.95 -5.58 6.07
C LEU A 16 22.78 -6.19 4.68
N ALA A 17 23.81 -6.92 4.25
CA ALA A 17 23.82 -7.56 2.94
C ALA A 17 22.53 -8.33 2.65
N LYS A 18 22.16 -8.38 1.38
CA LYS A 18 20.96 -9.10 0.97
C LYS A 18 21.29 -10.59 1.00
N THR A 19 20.28 -11.43 1.22
CA THR A 19 20.48 -12.87 1.25
C THR A 19 19.18 -13.55 0.83
N GLY A 20 19.27 -14.84 0.47
CA GLY A 20 18.10 -15.57 0.05
C GLY A 20 17.29 -16.09 1.22
N ASP A 21 17.96 -16.27 2.35
CA ASP A 21 17.31 -16.78 3.55
C ASP A 21 16.73 -15.66 4.43
N HIS A 22 15.98 -16.07 5.44
CA HIS A 22 15.35 -15.16 6.38
C HIS A 22 15.92 -15.44 7.76
N ARG A 23 17.13 -15.98 7.81
CA ARG A 23 17.76 -16.34 9.07
C ARG A 23 17.84 -15.24 10.14
N ARG A 24 18.19 -14.02 9.74
CA ARG A 24 18.27 -12.94 10.72
C ARG A 24 16.91 -12.68 11.36
N ILE A 25 15.91 -12.36 10.54
CA ILE A 25 14.57 -12.09 11.06
C ILE A 25 14.01 -13.30 11.81
N LEU A 26 14.33 -14.51 11.33
CA LEU A 26 13.84 -15.73 11.99
C LEU A 26 14.48 -15.89 13.36
N THR A 27 15.77 -15.57 13.45
CA THR A 27 16.47 -15.67 14.73
C THR A 27 15.85 -14.71 15.73
N LEU A 28 15.47 -13.52 15.26
CA LEU A 28 14.85 -12.53 16.13
C LEU A 28 13.42 -12.95 16.46
N LEU A 29 12.68 -13.38 15.44
CA LEU A 29 11.31 -13.82 15.65
C LEU A 29 11.28 -14.99 16.63
N HIS A 30 12.26 -15.87 16.54
CA HIS A 30 12.33 -17.01 17.45
C HIS A 30 12.46 -16.49 18.88
N ALA A 31 13.35 -15.51 19.07
CA ALA A 31 13.55 -14.92 20.39
C ALA A 31 12.27 -14.22 20.85
N LEU A 32 11.36 -13.94 19.93
CA LEU A 32 10.08 -13.28 20.26
C LEU A 32 8.94 -14.29 20.38
N GLY A 33 9.29 -15.58 20.36
CA GLY A 33 8.28 -16.61 20.48
C GLY A 33 7.54 -16.94 19.20
N ASN A 34 8.20 -16.70 18.07
CA ASN A 34 7.61 -16.98 16.76
C ASN A 34 6.14 -16.59 16.64
N PRO A 35 5.82 -15.30 16.82
CA PRO A 35 4.43 -14.85 16.71
C PRO A 35 3.85 -14.99 15.30
N GLN A 36 4.74 -15.10 14.30
CA GLN A 36 4.33 -15.23 12.91
C GLN A 36 3.74 -16.59 12.56
N GLN A 37 3.89 -17.56 13.45
CA GLN A 37 3.35 -18.89 13.22
C GLN A 37 1.91 -18.96 13.72
N GLN A 38 1.55 -18.01 14.55
CA GLN A 38 0.21 -17.95 15.14
C GLN A 38 -0.71 -16.99 14.42
N GLY A 39 -2.01 -17.17 14.62
CA GLY A 39 -2.99 -16.30 13.97
C GLY A 39 -3.19 -16.53 12.49
N ARG A 40 -3.79 -15.55 11.83
CA ARG A 40 -4.07 -15.62 10.41
C ARG A 40 -3.51 -14.43 9.65
N TYR A 41 -3.18 -14.64 8.40
CA TYR A 41 -2.62 -13.58 7.59
C TYR A 41 -3.10 -13.58 6.16
N ILE A 42 -3.03 -12.41 5.54
CA ILE A 42 -3.34 -12.26 4.12
C ILE A 42 -2.08 -11.57 3.60
N HIS A 43 -1.34 -12.26 2.71
CA HIS A 43 -0.10 -11.73 2.17
C HIS A 43 -0.31 -10.98 0.86
N VAL A 44 0.12 -9.72 0.82
CA VAL A 44 -0.06 -8.92 -0.37
C VAL A 44 1.21 -8.34 -0.99
N THR A 45 1.30 -8.41 -2.32
CA THR A 45 2.43 -7.84 -3.04
C THR A 45 1.97 -7.34 -4.41
N GLY A 46 2.84 -6.58 -5.06
CA GLY A 46 2.53 -6.04 -6.36
C GLY A 46 3.36 -4.79 -6.56
N THR A 47 3.70 -4.49 -7.79
CA THR A 47 4.51 -3.32 -8.10
C THR A 47 3.71 -2.07 -7.75
N ASN A 48 2.47 -2.05 -8.20
CA ASN A 48 1.56 -0.95 -7.94
C ASN A 48 0.19 -1.56 -7.64
N GLY A 49 -0.55 -0.95 -6.73
CA GLY A 49 -1.86 -1.47 -6.39
C GLY A 49 -1.82 -2.28 -5.11
N LYS A 50 -0.61 -2.62 -4.68
CA LYS A 50 -0.40 -3.41 -3.46
C LYS A 50 -1.08 -2.82 -2.23
N SER A 51 -0.75 -1.56 -1.93
CA SER A 51 -1.29 -0.89 -0.76
C SER A 51 -2.77 -0.58 -0.89
N THR A 52 -3.22 -0.31 -2.11
CA THR A 52 -4.62 0.00 -2.36
C THR A 52 -5.47 -1.24 -2.08
N ALA A 53 -5.05 -2.38 -2.60
CA ALA A 53 -5.77 -3.63 -2.38
C ALA A 53 -5.75 -3.99 -0.89
N ALA A 54 -4.56 -3.99 -0.29
CA ALA A 54 -4.42 -4.31 1.12
C ALA A 54 -5.33 -3.46 2.00
N ASN A 55 -5.36 -2.16 1.74
CA ASN A 55 -6.19 -1.25 2.53
C ASN A 55 -7.67 -1.60 2.37
N ALA A 56 -8.10 -1.86 1.14
CA ALA A 56 -9.49 -2.20 0.87
C ALA A 56 -9.87 -3.53 1.53
N ILE A 57 -8.99 -4.53 1.40
CA ILE A 57 -9.24 -5.83 2.02
C ILE A 57 -9.51 -5.65 3.52
N ALA A 58 -8.68 -4.83 4.16
CA ALA A 58 -8.82 -4.56 5.59
C ALA A 58 -10.15 -3.90 5.94
N HIS A 59 -10.54 -2.87 5.20
CA HIS A 59 -11.80 -2.17 5.47
C HIS A 59 -12.99 -3.12 5.34
N VAL A 60 -12.96 -3.97 4.30
CA VAL A 60 -14.04 -4.93 4.07
C VAL A 60 -14.14 -5.94 5.22
N LEU A 61 -13.02 -6.56 5.59
CA LEU A 61 -13.03 -7.55 6.67
C LEU A 61 -13.36 -6.89 8.00
N GLU A 62 -12.93 -5.64 8.18
CA GLU A 62 -13.23 -4.93 9.41
C GLU A 62 -14.74 -4.70 9.55
N ALA A 63 -15.39 -4.39 8.43
CA ALA A 63 -16.84 -4.15 8.42
C ALA A 63 -17.64 -5.44 8.65
N SER A 64 -17.02 -6.59 8.43
CA SER A 64 -17.69 -7.87 8.63
C SER A 64 -17.66 -8.30 10.09
N GLY A 65 -16.93 -7.55 10.93
CA GLY A 65 -16.86 -7.87 12.33
C GLY A 65 -15.52 -8.36 12.87
N LEU A 66 -14.51 -8.42 12.01
CA LEU A 66 -13.19 -8.89 12.44
C LEU A 66 -12.25 -7.75 12.83
N THR A 67 -11.29 -8.05 13.70
CA THR A 67 -10.28 -7.09 14.13
C THR A 67 -9.11 -7.37 13.19
N VAL A 68 -8.79 -6.39 12.36
CA VAL A 68 -7.76 -6.55 11.34
C VAL A 68 -6.48 -5.76 11.57
N GLY A 69 -5.35 -6.48 11.48
CA GLY A 69 -4.06 -5.86 11.63
C GLY A 69 -3.62 -5.48 10.25
N LEU A 70 -2.87 -4.40 10.09
CA LEU A 70 -2.42 -4.00 8.77
C LEU A 70 -1.01 -3.45 8.81
N TYR A 71 -0.15 -4.07 8.00
CA TYR A 71 1.26 -3.68 7.88
C TYR A 71 1.40 -3.10 6.48
N THR A 72 1.57 -1.79 6.40
CA THR A 72 1.64 -1.13 5.10
C THR A 72 2.66 -0.01 4.95
N SER A 73 2.80 0.45 3.70
CA SER A 73 3.68 1.56 3.36
C SER A 73 2.72 2.75 3.26
N PRO A 74 2.68 3.60 4.31
CA PRO A 74 1.80 4.75 4.31
C PRO A 74 2.21 5.87 3.38
N PHE A 75 1.24 6.72 3.04
CA PHE A 75 1.49 7.88 2.19
C PHE A 75 1.80 8.99 3.19
N ILE A 76 1.07 9.01 4.30
CA ILE A 76 1.31 9.96 5.36
C ILE A 76 2.63 9.43 5.90
N MET A 77 3.62 10.31 6.03
CA MET A 77 4.95 9.88 6.47
C MET A 77 5.22 9.73 7.97
N ARG A 78 4.18 9.54 8.78
CA ARG A 78 4.42 9.35 10.22
C ARG A 78 4.58 7.85 10.44
N PHE A 79 5.69 7.45 11.05
CA PHE A 79 6.00 6.05 11.29
C PHE A 79 4.84 5.16 11.77
N ASN A 80 4.18 5.61 12.84
CA ASN A 80 3.08 4.85 13.43
C ASN A 80 2.05 4.33 12.43
N GLU A 81 1.92 5.02 11.30
CA GLU A 81 0.96 4.66 10.26
C GLU A 81 1.23 3.32 9.55
N ARG A 82 2.41 2.76 9.76
CA ARG A 82 2.75 1.49 9.11
C ARG A 82 2.11 0.26 9.76
N ILE A 83 1.87 0.32 11.05
CA ILE A 83 1.26 -0.80 11.80
C ILE A 83 -0.07 -0.34 12.35
N MET A 84 -1.16 -0.91 11.85
CA MET A 84 -2.49 -0.52 12.30
C MET A 84 -3.36 -1.70 12.69
N ILE A 85 -4.35 -1.42 13.52
CA ILE A 85 -5.32 -2.42 13.93
C ILE A 85 -6.63 -1.68 13.74
N ASP A 86 -7.47 -2.20 12.84
CA ASP A 86 -8.73 -1.57 12.52
C ASP A 86 -8.46 -0.11 12.14
N HIS A 87 -7.42 0.04 11.31
CA HIS A 87 -6.96 1.31 10.80
C HIS A 87 -6.52 2.36 11.81
N GLU A 88 -6.13 1.91 13.00
CA GLU A 88 -5.67 2.83 14.03
C GLU A 88 -4.16 2.64 14.18
N PRO A 89 -3.37 3.68 13.85
CA PRO A 89 -1.91 3.57 13.97
C PRO A 89 -1.52 3.13 15.37
N ILE A 90 -0.43 2.39 15.47
CA ILE A 90 0.03 1.95 16.79
C ILE A 90 0.32 3.20 17.63
N PRO A 91 -0.26 3.27 18.84
CA PRO A 91 -0.04 4.43 19.72
C PRO A 91 1.44 4.60 20.09
N ASP A 92 1.85 5.85 20.28
CA ASP A 92 3.24 6.17 20.65
C ASP A 92 3.71 5.36 21.85
N ALA A 93 2.87 5.29 22.89
CA ALA A 93 3.20 4.56 24.10
C ALA A 93 3.33 3.06 23.85
N ALA A 94 2.52 2.54 22.94
CA ALA A 94 2.57 1.12 22.61
C ALA A 94 3.78 0.82 21.72
N LEU A 95 4.21 1.80 20.94
CA LEU A 95 5.36 1.60 20.07
C LEU A 95 6.60 1.58 20.93
N VAL A 96 6.64 2.48 21.92
CA VAL A 96 7.76 2.56 22.85
C VAL A 96 7.94 1.26 23.62
N ASN A 97 6.84 0.66 24.09
CA ASN A 97 6.95 -0.58 24.83
C ASN A 97 7.30 -1.74 23.90
N ALA A 98 6.72 -1.75 22.71
CA ALA A 98 7.00 -2.83 21.76
C ALA A 98 8.48 -2.78 21.35
N VAL A 99 8.97 -1.58 21.01
CA VAL A 99 10.37 -1.41 20.63
C VAL A 99 11.27 -1.89 21.76
N ALA A 100 10.87 -1.60 23.00
CA ALA A 100 11.66 -2.01 24.15
C ALA A 100 11.68 -3.53 24.26
N PHE A 101 10.53 -4.17 24.03
CA PHE A 101 10.46 -5.62 24.13
C PHE A 101 11.34 -6.29 23.08
N VAL A 102 11.24 -5.85 21.83
CA VAL A 102 12.03 -6.44 20.78
C VAL A 102 13.52 -6.16 20.98
N ARG A 103 13.86 -4.98 21.50
CA ARG A 103 15.26 -4.63 21.74
C ARG A 103 15.90 -5.57 22.76
N ALA A 104 15.18 -5.82 23.85
CA ALA A 104 15.69 -6.68 24.91
C ALA A 104 16.01 -8.06 24.32
N ALA A 105 15.11 -8.57 23.48
CA ALA A 105 15.30 -9.85 22.83
C ALA A 105 16.53 -9.76 21.95
N LEU A 106 16.61 -8.65 21.20
CA LEU A 106 17.73 -8.39 20.29
C LEU A 106 19.05 -8.39 21.05
N GLU A 107 19.07 -7.76 22.22
CA GLU A 107 20.28 -7.68 23.03
C GLU A 107 20.67 -9.00 23.68
N ARG A 108 19.68 -9.85 23.95
CA ARG A 108 19.99 -11.17 24.52
C ARG A 108 20.66 -11.98 23.43
N LEU A 109 20.18 -11.82 22.20
CA LEU A 109 20.74 -12.51 21.05
C LEU A 109 22.19 -12.10 20.78
N GLN A 110 22.45 -10.80 20.76
CA GLN A 110 23.79 -10.30 20.52
C GLN A 110 24.72 -10.72 21.64
N GLN A 111 24.14 -11.09 22.78
CA GLN A 111 24.94 -11.55 23.92
C GLN A 111 25.39 -12.99 23.66
N GLN A 112 24.68 -13.70 22.80
CA GLN A 112 24.99 -15.08 22.41
C GLN A 112 25.98 -15.07 21.25
N GLN A 113 25.63 -14.36 20.18
CA GLN A 113 26.51 -14.22 19.01
C GLN A 113 26.71 -12.72 18.79
N ALA A 114 27.86 -12.25 19.28
CA ALA A 114 28.25 -10.84 19.22
C ALA A 114 28.01 -10.09 17.92
N ASP A 115 28.17 -10.75 16.78
CA ASP A 115 27.99 -10.10 15.49
C ASP A 115 26.56 -10.08 14.98
N PHE A 116 25.61 -10.58 15.78
CA PHE A 116 24.21 -10.64 15.34
C PHE A 116 23.52 -9.29 15.23
N ASN A 117 22.77 -9.11 14.15
CA ASN A 117 22.03 -7.88 13.91
C ASN A 117 20.99 -8.07 12.81
N VAL A 118 20.11 -7.09 12.65
CA VAL A 118 19.08 -7.16 11.62
C VAL A 118 18.98 -5.82 10.93
N THR A 119 18.30 -5.79 9.78
CA THR A 119 18.12 -4.55 9.07
C THR A 119 16.94 -3.83 9.74
N GLU A 120 16.67 -2.62 9.28
CA GLU A 120 15.58 -1.82 9.81
C GLU A 120 14.23 -2.48 9.49
N PHE A 121 14.06 -2.91 8.25
CA PHE A 121 12.81 -3.53 7.86
C PHE A 121 12.58 -4.85 8.58
N GLU A 122 13.65 -5.57 8.87
CA GLU A 122 13.52 -6.84 9.59
C GLU A 122 13.09 -6.55 11.01
N PHE A 123 13.68 -5.52 11.62
CA PHE A 123 13.33 -5.15 12.99
C PHE A 123 11.85 -4.75 13.05
N ILE A 124 11.46 -3.80 12.21
CA ILE A 124 10.08 -3.33 12.19
C ILE A 124 9.09 -4.47 11.91
N THR A 125 9.43 -5.33 10.96
CA THR A 125 8.59 -6.45 10.57
C THR A 125 8.39 -7.46 11.69
N ALA A 126 9.47 -7.79 12.38
CA ALA A 126 9.38 -8.74 13.48
C ALA A 126 8.48 -8.15 14.55
N LEU A 127 8.71 -6.86 14.84
CA LEU A 127 7.94 -6.14 15.85
C LEU A 127 6.45 -6.09 15.47
N GLY A 128 6.16 -5.96 14.17
CA GLY A 128 4.79 -5.90 13.69
C GLY A 128 4.09 -7.22 13.93
N TYR A 129 4.75 -8.33 13.59
CA TYR A 129 4.16 -9.65 13.80
C TYR A 129 3.91 -9.89 15.28
N TRP A 130 4.87 -9.49 16.10
CA TRP A 130 4.74 -9.67 17.53
C TRP A 130 3.52 -8.89 18.00
N TYR A 131 3.49 -7.60 17.65
CA TYR A 131 2.39 -6.72 18.04
C TYR A 131 1.04 -7.35 17.71
N PHE A 132 0.81 -7.66 16.43
CA PHE A 132 -0.45 -8.27 15.97
C PHE A 132 -0.81 -9.53 16.76
N ARG A 133 0.19 -10.34 17.07
CA ARG A 133 -0.07 -11.58 17.81
C ARG A 133 -0.41 -11.24 19.26
N GLN A 134 0.28 -10.24 19.81
CA GLN A 134 0.03 -9.84 21.20
C GLN A 134 -1.40 -9.37 21.36
N ARG A 135 -1.87 -8.56 20.41
CA ARG A 135 -3.23 -8.02 20.46
C ARG A 135 -4.24 -9.09 20.00
N GLN A 136 -3.71 -10.17 19.45
CA GLN A 136 -4.52 -11.28 18.96
C GLN A 136 -5.57 -10.88 17.93
N VAL A 137 -5.15 -10.12 16.93
CA VAL A 137 -6.07 -9.71 15.88
C VAL A 137 -6.54 -10.98 15.18
N ASP A 138 -7.71 -10.93 14.56
CA ASP A 138 -8.24 -12.10 13.87
C ASP A 138 -7.39 -12.43 12.66
N VAL A 139 -6.93 -11.39 11.98
CA VAL A 139 -6.10 -11.56 10.81
C VAL A 139 -5.27 -10.32 10.56
N ALA A 140 -4.08 -10.51 10.01
CA ALA A 140 -3.18 -9.41 9.72
C ALA A 140 -2.94 -9.35 8.21
N VAL A 141 -3.32 -8.24 7.59
CA VAL A 141 -3.07 -8.08 6.16
C VAL A 141 -1.63 -7.59 6.07
N ILE A 142 -0.76 -8.39 5.47
CA ILE A 142 0.65 -8.03 5.36
C ILE A 142 1.10 -7.70 3.94
N GLU A 143 1.64 -6.50 3.79
CA GLU A 143 2.13 -6.03 2.51
C GLU A 143 3.60 -6.37 2.45
N VAL A 144 4.01 -7.01 1.35
CA VAL A 144 5.43 -7.32 1.16
C VAL A 144 6.15 -5.98 1.03
N GLY A 145 7.41 -5.90 1.49
CA GLY A 145 8.17 -4.67 1.36
C GLY A 145 8.34 -4.46 -0.14
N ILE A 146 9.03 -5.41 -0.78
CA ILE A 146 9.22 -5.36 -2.23
C ILE A 146 9.47 -6.80 -2.71
N GLY A 147 8.99 -7.11 -3.91
CA GLY A 147 9.17 -8.44 -4.44
C GLY A 147 8.28 -9.46 -3.75
N GLY A 148 8.87 -10.33 -2.95
CA GLY A 148 8.09 -11.32 -2.24
C GLY A 148 8.93 -12.46 -1.69
N ASP A 149 9.41 -13.31 -2.59
CA ASP A 149 10.21 -14.47 -2.21
C ASP A 149 11.23 -14.23 -1.09
N THR A 150 12.10 -13.25 -1.26
CA THR A 150 13.11 -12.99 -0.25
C THR A 150 12.82 -11.75 0.61
N ASP A 151 11.57 -11.30 0.59
CA ASP A 151 11.18 -10.14 1.38
C ASP A 151 11.10 -10.54 2.85
N SER A 152 11.48 -9.61 3.73
CA SER A 152 11.48 -9.84 5.17
C SER A 152 10.16 -10.35 5.75
N THR A 153 9.03 -9.98 5.13
CA THR A 153 7.72 -10.43 5.63
C THR A 153 7.44 -11.87 5.24
N ASN A 154 8.21 -12.43 4.32
CA ASN A 154 7.96 -13.79 3.85
C ASN A 154 8.35 -14.91 4.79
N VAL A 155 7.70 -14.95 5.94
CA VAL A 155 7.94 -15.96 6.95
C VAL A 155 6.64 -16.49 7.56
N ILE A 156 5.55 -16.38 6.79
CA ILE A 156 4.24 -16.86 7.23
C ILE A 156 3.56 -17.71 6.16
N THR A 157 2.50 -18.40 6.58
CA THR A 157 1.67 -19.21 5.68
C THR A 157 0.32 -18.53 5.81
N PRO A 158 -0.03 -17.69 4.83
CA PRO A 158 -1.31 -16.96 4.83
C PRO A 158 -2.52 -17.82 4.49
N VAL A 159 -3.70 -17.20 4.64
CA VAL A 159 -4.95 -17.87 4.32
C VAL A 159 -5.13 -17.68 2.82
N VAL A 160 -4.68 -16.52 2.33
CA VAL A 160 -4.75 -16.18 0.90
C VAL A 160 -3.54 -15.32 0.52
N SER A 161 -3.15 -15.39 -0.74
CA SER A 161 -2.03 -14.59 -1.24
C SER A 161 -2.57 -13.66 -2.32
N VAL A 162 -2.01 -12.47 -2.44
CA VAL A 162 -2.49 -11.53 -3.43
C VAL A 162 -1.37 -10.89 -4.24
N LEU A 163 -1.46 -11.01 -5.56
CA LEU A 163 -0.48 -10.41 -6.49
C LEU A 163 -1.28 -9.47 -7.38
N THR A 164 -1.24 -8.18 -7.05
CA THR A 164 -2.01 -7.19 -7.81
C THR A 164 -1.52 -7.01 -9.24
N SER A 165 -0.22 -6.80 -9.41
CA SER A 165 0.35 -6.63 -10.73
C SER A 165 1.86 -6.67 -10.68
N VAL A 166 2.49 -6.87 -11.84
CA VAL A 166 3.93 -6.91 -11.93
C VAL A 166 4.41 -5.87 -12.95
N ALA A 167 5.33 -5.02 -12.54
CA ALA A 167 5.88 -3.99 -13.43
C ALA A 167 7.36 -3.78 -13.09
N LEU A 168 8.04 -3.00 -13.93
CA LEU A 168 9.48 -2.73 -13.77
C LEU A 168 9.90 -1.65 -12.76
N ASP A 169 8.94 -1.02 -12.10
CA ASP A 169 9.26 0.02 -11.12
C ASP A 169 10.49 -0.28 -10.24
N HIS A 170 10.49 -1.43 -9.57
CA HIS A 170 11.59 -1.81 -8.68
C HIS A 170 12.61 -2.74 -9.36
N GLN A 171 12.78 -2.59 -10.66
CA GLN A 171 13.72 -3.44 -11.40
C GLN A 171 15.14 -3.45 -10.86
N LYS A 172 15.58 -2.32 -10.29
CA LYS A 172 16.94 -2.24 -9.75
C LYS A 172 17.26 -3.33 -8.73
N LEU A 173 16.27 -3.68 -7.90
CA LEU A 173 16.49 -4.70 -6.86
C LEU A 173 15.95 -6.09 -7.17
N LEU A 174 14.96 -6.18 -8.05
CA LEU A 174 14.34 -7.47 -8.36
C LEU A 174 14.63 -8.12 -9.71
N GLY A 175 15.16 -7.35 -10.66
CA GLY A 175 15.45 -7.93 -11.96
C GLY A 175 15.20 -7.03 -13.16
N HIS A 176 15.79 -7.39 -14.29
CA HIS A 176 15.67 -6.61 -15.52
C HIS A 176 14.46 -6.96 -16.37
N THR A 177 13.82 -8.10 -16.10
CA THR A 177 12.67 -8.50 -16.89
C THR A 177 11.43 -8.77 -16.04
N ILE A 178 10.26 -8.74 -16.70
CA ILE A 178 9.00 -9.00 -16.02
C ILE A 178 9.03 -10.39 -15.38
N THR A 179 9.62 -11.35 -16.08
CA THR A 179 9.72 -12.72 -15.59
C THR A 179 10.52 -12.81 -14.29
N ALA A 180 11.65 -12.12 -14.24
CA ALA A 180 12.50 -12.16 -13.05
C ALA A 180 11.78 -11.49 -11.87
N ILE A 181 11.11 -10.38 -12.15
CA ILE A 181 10.37 -9.67 -11.11
C ILE A 181 9.19 -10.54 -10.69
N ALA A 182 8.53 -11.15 -11.67
CA ALA A 182 7.39 -12.02 -11.40
C ALA A 182 7.77 -13.18 -10.51
N LYS A 183 8.97 -13.73 -10.70
CA LYS A 183 9.42 -14.85 -9.87
C LYS A 183 9.56 -14.42 -8.40
N HIS A 184 9.86 -13.16 -8.17
CA HIS A 184 9.97 -12.67 -6.80
C HIS A 184 8.60 -12.61 -6.13
N LYS A 185 7.60 -12.12 -6.87
CA LYS A 185 6.23 -11.98 -6.37
C LYS A 185 5.59 -13.34 -6.11
N ALA A 186 5.81 -14.27 -7.03
CA ALA A 186 5.25 -15.60 -6.91
C ALA A 186 5.79 -16.33 -5.68
N GLY A 187 6.83 -15.78 -5.06
CA GLY A 187 7.40 -16.41 -3.90
C GLY A 187 6.47 -16.43 -2.69
N ILE A 188 5.42 -15.61 -2.71
CA ILE A 188 4.49 -15.58 -1.58
C ILE A 188 3.32 -16.54 -1.80
N ILE A 189 3.35 -17.25 -2.93
CA ILE A 189 2.33 -18.24 -3.25
C ILE A 189 2.77 -19.51 -2.52
N LYS A 190 1.86 -20.08 -1.73
CA LYS A 190 2.13 -21.28 -0.93
C LYS A 190 1.25 -22.48 -1.26
N ARG A 191 1.74 -23.67 -0.92
CA ARG A 191 1.02 -24.92 -1.18
C ARG A 191 -0.40 -24.94 -0.63
N GLY A 192 -1.36 -25.21 -1.51
CA GLY A 192 -2.75 -25.27 -1.10
C GLY A 192 -3.39 -23.96 -0.72
N ILE A 193 -2.62 -22.87 -0.75
CA ILE A 193 -3.19 -21.57 -0.41
C ILE A 193 -3.60 -20.81 -1.67
N PRO A 194 -4.84 -20.33 -1.72
CA PRO A 194 -5.37 -19.59 -2.88
C PRO A 194 -4.59 -18.31 -3.16
N VAL A 195 -4.56 -17.91 -4.43
CA VAL A 195 -3.88 -16.69 -4.82
C VAL A 195 -4.81 -15.86 -5.69
N VAL A 196 -5.03 -14.60 -5.31
CA VAL A 196 -5.87 -13.70 -6.08
C VAL A 196 -4.93 -12.73 -6.79
N THR A 197 -5.10 -12.59 -8.11
CA THR A 197 -4.24 -11.69 -8.88
C THR A 197 -5.03 -10.79 -9.82
N GLY A 198 -4.40 -9.73 -10.29
CA GLY A 198 -5.06 -8.87 -11.26
C GLY A 198 -4.86 -9.57 -12.59
N ASN A 199 -5.23 -8.95 -13.69
CA ASN A 199 -5.04 -9.58 -15.00
C ASN A 199 -3.57 -9.31 -15.40
N LEU A 200 -2.68 -10.17 -14.95
CA LEU A 200 -1.24 -10.02 -15.21
C LEU A 200 -0.78 -10.04 -16.67
N VAL A 201 0.27 -9.29 -16.99
CA VAL A 201 0.81 -9.28 -18.33
C VAL A 201 1.35 -10.69 -18.59
N PRO A 202 1.35 -11.15 -19.85
CA PRO A 202 1.83 -12.48 -20.24
C PRO A 202 2.95 -13.14 -19.44
N ASP A 203 4.12 -12.52 -19.39
CA ASP A 203 5.26 -13.11 -18.67
C ASP A 203 4.96 -13.33 -17.18
N ALA A 204 4.22 -12.42 -16.58
CA ALA A 204 3.87 -12.54 -15.17
C ALA A 204 2.84 -13.65 -15.02
N ALA A 205 1.90 -13.72 -15.96
CA ALA A 205 0.86 -14.73 -15.93
C ALA A 205 1.49 -16.11 -16.09
N ALA A 206 2.46 -16.23 -16.99
CA ALA A 206 3.13 -17.50 -17.23
C ALA A 206 3.89 -17.98 -15.99
N VAL A 207 4.51 -17.04 -15.26
CA VAL A 207 5.25 -17.39 -14.05
C VAL A 207 4.31 -17.83 -12.93
N VAL A 208 3.15 -17.18 -12.85
CA VAL A 208 2.17 -17.54 -11.82
C VAL A 208 1.56 -18.92 -12.11
N ALA A 209 1.20 -19.17 -13.37
CA ALA A 209 0.61 -20.44 -13.76
C ALA A 209 1.49 -21.64 -13.40
N ALA A 210 2.80 -21.49 -13.60
CA ALA A 210 3.76 -22.54 -13.29
C ALA A 210 3.89 -22.70 -11.78
N LYS A 211 3.84 -21.58 -11.08
CA LYS A 211 3.97 -21.61 -9.64
C LYS A 211 2.77 -22.33 -8.99
N VAL A 212 1.56 -21.95 -9.38
CA VAL A 212 0.36 -22.59 -8.82
C VAL A 212 0.24 -24.06 -9.18
N ALA A 213 0.91 -24.47 -10.25
CA ALA A 213 0.89 -25.87 -10.68
C ALA A 213 1.69 -26.70 -9.68
N THR A 214 2.73 -26.08 -9.12
CA THR A 214 3.55 -26.77 -8.13
C THR A 214 2.94 -26.65 -6.74
N THR A 215 2.30 -25.53 -6.44
CA THR A 215 1.68 -25.33 -5.14
C THR A 215 0.28 -25.93 -5.05
N GLY A 216 -0.39 -26.11 -6.18
CA GLY A 216 -1.73 -26.66 -6.16
C GLY A 216 -2.76 -25.60 -5.80
N SER A 217 -2.30 -24.36 -5.67
CA SER A 217 -3.13 -23.22 -5.31
C SER A 217 -4.26 -22.90 -6.28
N GLN A 218 -5.43 -22.59 -5.74
CA GLN A 218 -6.55 -22.20 -6.58
C GLN A 218 -6.17 -20.81 -7.05
N TRP A 219 -6.31 -20.54 -8.34
CA TRP A 219 -5.94 -19.23 -8.87
C TRP A 219 -7.15 -18.46 -9.43
N LEU A 220 -7.46 -17.34 -8.78
CA LEU A 220 -8.58 -16.48 -9.19
C LEU A 220 -7.99 -15.21 -9.80
N ARG A 221 -8.13 -15.07 -11.11
CA ARG A 221 -7.57 -13.91 -11.80
C ARG A 221 -8.57 -12.86 -12.29
N PHE A 222 -8.19 -11.59 -12.15
CA PHE A 222 -9.06 -10.51 -12.59
C PHE A 222 -9.32 -10.68 -14.08
N ASP A 223 -10.56 -10.41 -14.48
CA ASP A 223 -10.99 -10.52 -15.88
C ASP A 223 -11.10 -11.93 -16.39
N ARG A 224 -11.09 -12.89 -15.46
CA ARG A 224 -11.27 -14.29 -15.82
C ARG A 224 -12.25 -14.89 -14.82
N ASP A 225 -11.90 -14.82 -13.54
CA ASP A 225 -12.76 -15.37 -12.50
C ASP A 225 -13.65 -14.32 -11.84
N PHE A 226 -13.20 -13.07 -11.87
CA PHE A 226 -13.96 -11.97 -11.30
C PHE A 226 -13.64 -10.72 -12.13
N SER A 227 -14.52 -9.73 -12.09
CA SER A 227 -14.29 -8.54 -12.90
C SER A 227 -15.22 -7.38 -12.52
N VAL A 228 -15.14 -6.30 -13.29
CA VAL A 228 -15.96 -5.11 -13.07
C VAL A 228 -16.62 -4.71 -14.40
N PRO A 229 -17.79 -5.31 -14.70
CA PRO A 229 -18.51 -5.01 -15.94
C PRO A 229 -19.02 -3.58 -16.06
N LYS A 230 -19.16 -2.88 -14.94
CA LYS A 230 -19.64 -1.51 -14.95
C LYS A 230 -18.85 -0.66 -13.98
N ALA A 231 -18.52 0.56 -14.39
CA ALA A 231 -17.75 1.50 -13.56
C ALA A 231 -17.80 2.89 -14.18
N LYS A 232 -18.19 3.88 -13.37
CA LYS A 232 -18.27 5.25 -13.84
C LYS A 232 -18.07 6.23 -12.69
N LEU A 233 -17.73 7.47 -13.05
CA LEU A 233 -17.52 8.52 -12.06
C LEU A 233 -18.84 8.83 -11.36
N HIS A 234 -18.79 9.06 -10.05
CA HIS A 234 -19.98 9.36 -9.26
C HIS A 234 -19.59 10.31 -8.13
N GLY A 235 -19.70 11.61 -8.37
CA GLY A 235 -19.31 12.57 -7.35
C GLY A 235 -17.81 12.42 -7.25
N TRP A 236 -17.23 12.70 -6.09
CA TRP A 236 -15.79 12.56 -5.95
C TRP A 236 -15.42 11.11 -5.63
N GLY A 237 -15.71 10.23 -6.58
CA GLY A 237 -15.41 8.82 -6.42
C GLY A 237 -16.15 8.10 -7.54
N GLN A 238 -16.47 6.83 -7.34
CA GLN A 238 -17.19 6.12 -8.39
C GLN A 238 -18.13 5.02 -7.93
N ARG A 239 -19.01 4.65 -8.85
CA ARG A 239 -19.99 3.60 -8.60
C ARG A 239 -19.61 2.50 -9.56
N PHE A 240 -19.50 1.28 -9.07
CA PHE A 240 -19.14 0.18 -9.95
C PHE A 240 -19.81 -1.13 -9.56
N THR A 241 -19.73 -2.10 -10.46
CA THR A 241 -20.33 -3.40 -10.23
C THR A 241 -19.26 -4.48 -10.18
N TYR A 242 -19.35 -5.33 -9.15
CA TYR A 242 -18.42 -6.42 -8.97
C TYR A 242 -19.08 -7.70 -9.45
N GLU A 243 -18.31 -8.54 -10.12
CA GLU A 243 -18.85 -9.80 -10.61
C GLU A 243 -17.84 -10.93 -10.46
N ASP A 244 -18.32 -12.09 -10.05
CA ASP A 244 -17.44 -13.25 -9.94
C ASP A 244 -18.27 -14.51 -10.08
N GLN A 245 -17.69 -15.65 -9.72
CA GLN A 245 -18.38 -16.93 -9.83
C GLN A 245 -19.75 -16.98 -9.17
N ASP A 246 -19.91 -16.28 -8.05
CA ASP A 246 -21.19 -16.26 -7.32
C ASP A 246 -22.20 -15.25 -7.85
N GLY A 247 -21.78 -14.38 -8.75
CA GLY A 247 -22.70 -13.39 -9.28
C GLY A 247 -22.22 -11.97 -9.12
N ARG A 248 -23.17 -11.04 -8.99
CA ARG A 248 -22.83 -9.64 -8.88
C ARG A 248 -23.22 -8.94 -7.58
N ILE A 249 -22.58 -7.79 -7.38
CA ILE A 249 -22.85 -6.90 -6.27
C ILE A 249 -22.93 -5.60 -7.05
N SER A 250 -24.16 -5.15 -7.28
CA SER A 250 -24.41 -3.96 -8.06
C SER A 250 -24.24 -2.64 -7.33
N ASP A 251 -23.72 -1.69 -8.10
CA ASP A 251 -23.52 -0.32 -7.67
C ASP A 251 -22.89 -0.10 -6.32
N LEU A 252 -21.68 -0.62 -6.16
CA LEU A 252 -20.93 -0.43 -4.94
C LEU A 252 -20.38 0.98 -5.10
N GLU A 253 -20.10 1.63 -3.98
CA GLU A 253 -19.55 2.98 -4.05
C GLU A 253 -18.35 3.17 -3.15
N VAL A 254 -17.26 3.58 -3.76
CA VAL A 254 -16.03 3.81 -3.03
C VAL A 254 -15.60 5.24 -3.30
N PRO A 255 -15.06 5.93 -2.28
CA PRO A 255 -14.62 7.31 -2.50
C PRO A 255 -13.19 7.35 -3.02
N LEU A 256 -12.97 6.71 -4.17
CA LEU A 256 -11.63 6.66 -4.76
C LEU A 256 -11.67 6.73 -6.28
N VAL A 257 -11.39 7.91 -6.82
CA VAL A 257 -11.38 8.11 -8.26
C VAL A 257 -10.07 7.61 -8.89
N GLY A 258 -10.17 7.12 -10.12
CA GLY A 258 -9.01 6.59 -10.82
C GLY A 258 -9.35 5.23 -11.41
N ASP A 259 -9.77 5.22 -12.67
CA ASP A 259 -10.16 4.00 -13.39
C ASP A 259 -9.38 2.75 -13.01
N TYR A 260 -8.10 2.93 -12.69
CA TYR A 260 -7.24 1.82 -12.30
C TYR A 260 -7.60 1.20 -10.96
N GLN A 261 -8.25 1.98 -10.09
CA GLN A 261 -8.62 1.52 -8.76
C GLN A 261 -9.75 0.49 -8.66
N GLN A 262 -10.57 0.36 -9.69
CA GLN A 262 -11.65 -0.62 -9.62
C GLN A 262 -11.05 -2.03 -9.71
N ARG A 263 -9.88 -2.14 -10.33
CA ARG A 263 -9.21 -3.42 -10.45
C ARG A 263 -8.70 -3.82 -9.07
N ASN A 264 -8.17 -2.85 -8.33
CA ASN A 264 -7.65 -3.12 -7.00
C ASN A 264 -8.78 -3.37 -6.00
N MET A 265 -9.93 -2.74 -6.22
CA MET A 265 -11.11 -2.90 -5.36
C MET A 265 -11.70 -4.29 -5.56
N ALA A 266 -11.78 -4.71 -6.82
CA ALA A 266 -12.32 -6.03 -7.15
C ALA A 266 -11.38 -7.10 -6.60
N ILE A 267 -10.08 -6.87 -6.72
CA ILE A 267 -9.10 -7.82 -6.18
C ILE A 267 -9.34 -7.95 -4.67
N ALA A 268 -9.51 -6.81 -4.02
CA ALA A 268 -9.74 -6.76 -2.58
C ALA A 268 -10.99 -7.54 -2.21
N ILE A 269 -12.10 -7.25 -2.90
CA ILE A 269 -13.37 -7.94 -2.64
C ILE A 269 -13.19 -9.45 -2.79
N GLN A 270 -12.76 -9.89 -3.96
CA GLN A 270 -12.55 -11.30 -4.21
C GLN A 270 -11.66 -11.92 -3.13
N THR A 271 -10.62 -11.20 -2.71
CA THR A 271 -9.71 -11.72 -1.69
C THR A 271 -10.41 -11.86 -0.33
N ALA A 272 -11.21 -10.85 0.03
CA ALA A 272 -11.94 -10.88 1.29
C ALA A 272 -12.86 -12.09 1.30
N LYS A 273 -13.53 -12.33 0.18
CA LYS A 273 -14.45 -13.46 0.06
C LYS A 273 -13.73 -14.78 0.20
N VAL A 274 -12.54 -14.88 -0.40
CA VAL A 274 -11.78 -16.13 -0.30
C VAL A 274 -11.43 -16.35 1.18
N TYR A 275 -10.94 -15.29 1.83
CA TYR A 275 -10.58 -15.37 3.25
C TYR A 275 -11.73 -15.90 4.09
N ALA A 276 -12.89 -15.29 3.94
CA ALA A 276 -14.09 -15.68 4.70
C ALA A 276 -14.49 -17.13 4.44
N LYS A 277 -14.48 -17.52 3.16
CA LYS A 277 -14.85 -18.87 2.77
C LYS A 277 -13.87 -19.89 3.34
N GLN A 278 -12.58 -19.56 3.30
CA GLN A 278 -11.54 -20.44 3.81
C GLN A 278 -11.55 -20.59 5.33
N THR A 279 -12.19 -19.65 6.02
CA THR A 279 -12.26 -19.69 7.48
C THR A 279 -13.68 -19.80 8.03
N GLU A 280 -14.63 -20.21 7.20
CA GLU A 280 -16.02 -20.35 7.63
C GLU A 280 -16.53 -19.08 8.31
N TRP A 281 -16.20 -17.94 7.73
CA TRP A 281 -16.61 -16.66 8.30
C TRP A 281 -17.66 -15.98 7.41
N PRO A 282 -18.72 -15.40 8.02
CA PRO A 282 -19.75 -14.74 7.23
C PRO A 282 -19.28 -13.41 6.60
N LEU A 283 -19.60 -13.22 5.32
CA LEU A 283 -19.26 -11.98 4.62
C LEU A 283 -20.42 -11.68 3.69
N THR A 284 -21.13 -10.58 3.96
CA THR A 284 -22.29 -10.21 3.15
C THR A 284 -22.02 -9.07 2.19
N PRO A 285 -22.88 -8.91 1.18
CA PRO A 285 -22.66 -7.82 0.23
C PRO A 285 -22.76 -6.48 0.98
N GLN A 286 -23.57 -6.45 2.03
CA GLN A 286 -23.75 -5.26 2.85
C GLN A 286 -22.43 -4.94 3.57
N ASN A 287 -21.71 -5.98 3.98
CA ASN A 287 -20.42 -5.82 4.65
C ASN A 287 -19.43 -5.21 3.64
N ILE A 288 -19.39 -5.79 2.44
CA ILE A 288 -18.51 -5.31 1.37
C ILE A 288 -18.81 -3.85 1.08
N ARG A 289 -20.08 -3.58 0.83
CA ARG A 289 -20.56 -2.23 0.52
C ARG A 289 -20.16 -1.25 1.60
N GLN A 290 -20.42 -1.62 2.86
CA GLN A 290 -20.07 -0.78 4.01
C GLN A 290 -18.58 -0.51 4.12
N GLY A 291 -17.77 -1.55 3.90
CA GLY A 291 -16.33 -1.41 3.99
C GLY A 291 -15.75 -0.45 2.97
N LEU A 292 -16.22 -0.51 1.73
CA LEU A 292 -15.69 0.37 0.69
C LEU A 292 -16.17 1.81 0.86
N ALA A 293 -17.41 1.97 1.32
CA ALA A 293 -17.98 3.28 1.52
C ALA A 293 -17.25 4.03 2.62
N ALA A 294 -16.83 3.32 3.66
CA ALA A 294 -16.14 3.95 4.78
C ALA A 294 -14.62 3.97 4.64
N SER A 295 -14.10 3.39 3.56
CA SER A 295 -12.65 3.37 3.35
C SER A 295 -12.08 4.78 3.19
N HIS A 296 -10.84 4.96 3.61
CA HIS A 296 -10.17 6.25 3.53
C HIS A 296 -8.89 6.15 2.70
N TRP A 297 -8.65 7.14 1.85
CA TRP A 297 -7.47 7.12 0.99
C TRP A 297 -6.65 8.39 0.99
N PRO A 298 -5.72 8.52 1.96
CA PRO A 298 -4.85 9.69 2.10
C PRO A 298 -3.89 9.86 0.92
N ALA A 299 -3.92 11.03 0.28
CA ALA A 299 -3.04 11.35 -0.84
C ALA A 299 -3.38 10.72 -2.19
N ARG A 300 -4.60 10.24 -2.35
CA ARG A 300 -5.03 9.69 -3.64
C ARG A 300 -6.20 10.54 -4.11
N LEU A 301 -5.90 11.50 -4.99
CA LEU A 301 -6.94 12.41 -5.48
C LEU A 301 -7.78 12.87 -4.31
N GLU A 302 -7.10 13.17 -3.20
CA GLU A 302 -7.76 13.62 -1.99
C GLU A 302 -8.04 15.12 -2.00
N LYS A 303 -9.32 15.46 -1.87
CA LYS A 303 -9.75 16.84 -1.83
C LYS A 303 -9.66 17.29 -0.38
N ILE A 304 -8.49 17.79 0.01
CA ILE A 304 -8.26 18.24 1.38
C ILE A 304 -8.88 19.62 1.65
N SER A 305 -9.41 20.24 0.60
CA SER A 305 -10.04 21.55 0.75
C SER A 305 -11.04 21.79 -0.38
N ASP A 306 -12.20 22.33 -0.01
CA ASP A 306 -13.26 22.59 -0.98
C ASP A 306 -13.19 24.04 -1.45
N THR A 307 -12.98 24.95 -0.50
CA THR A 307 -12.89 26.38 -0.79
C THR A 307 -11.75 26.99 0.03
N PRO A 308 -10.57 27.20 -0.59
CA PRO A 308 -10.23 26.90 -1.99
C PRO A 308 -10.15 25.40 -2.26
N LEU A 309 -10.43 25.00 -3.50
CA LEU A 309 -10.40 23.58 -3.87
C LEU A 309 -8.97 23.11 -4.10
N ILE A 310 -8.44 22.38 -3.12
CA ILE A 310 -7.08 21.85 -3.17
C ILE A 310 -7.10 20.33 -3.21
N VAL A 311 -6.36 19.75 -4.14
CA VAL A 311 -6.30 18.31 -4.28
C VAL A 311 -4.85 17.85 -4.12
N ILE A 312 -4.66 16.78 -3.37
CA ILE A 312 -3.33 16.22 -3.16
C ILE A 312 -3.33 14.82 -3.77
N ASP A 313 -2.24 14.47 -4.45
CA ASP A 313 -2.13 13.16 -5.06
C ASP A 313 -0.69 12.68 -4.98
N GLY A 314 -0.51 11.37 -4.84
CA GLY A 314 0.83 10.81 -4.73
C GLY A 314 1.45 10.38 -6.05
N ALA A 315 0.83 10.75 -7.17
CA ALA A 315 1.34 10.39 -8.48
C ALA A 315 2.83 10.73 -8.59
N HIS A 316 3.67 9.70 -8.71
CA HIS A 316 5.11 9.90 -8.85
C HIS A 316 5.67 9.38 -10.16
N ASN A 317 5.67 8.07 -10.34
CA ASN A 317 6.19 7.48 -11.58
C ASN A 317 5.41 7.99 -12.80
N PRO A 318 6.02 7.88 -13.99
CA PRO A 318 5.41 8.33 -15.24
C PRO A 318 4.04 7.72 -15.52
N ASP A 319 3.78 6.55 -14.93
CA ASP A 319 2.52 5.85 -15.14
C ASP A 319 1.43 6.29 -14.17
N GLY A 320 1.82 6.57 -12.94
CA GLY A 320 0.87 7.02 -11.93
C GLY A 320 0.41 8.44 -12.20
N ILE A 321 1.21 9.19 -12.94
CA ILE A 321 0.90 10.56 -13.29
C ILE A 321 0.00 10.65 -14.52
N ASN A 322 0.39 9.97 -15.60
CA ASN A 322 -0.41 9.99 -16.82
C ASN A 322 -1.83 9.53 -16.49
N GLY A 323 -1.94 8.65 -15.50
CA GLY A 323 -3.24 8.16 -15.09
C GLY A 323 -3.96 9.29 -14.37
N LEU A 324 -3.21 10.10 -13.63
CA LEU A 324 -3.74 11.24 -12.90
C LEU A 324 -4.32 12.29 -13.84
N ILE A 325 -3.59 12.57 -14.92
CA ILE A 325 -4.05 13.55 -15.90
C ILE A 325 -5.43 13.11 -16.40
N THR A 326 -5.56 11.81 -16.64
CA THR A 326 -6.81 11.22 -17.12
C THR A 326 -7.94 11.42 -16.13
N ALA A 327 -7.62 11.29 -14.84
CA ALA A 327 -8.62 11.45 -13.79
C ALA A 327 -9.07 12.91 -13.66
N LEU A 328 -8.12 13.84 -13.76
CA LEU A 328 -8.42 15.26 -13.64
C LEU A 328 -9.31 15.77 -14.77
N LYS A 329 -9.18 15.19 -15.95
CA LYS A 329 -9.98 15.60 -17.10
C LYS A 329 -11.44 15.20 -16.85
N GLN A 330 -11.63 14.12 -16.09
CA GLN A 330 -12.96 13.62 -15.78
C GLN A 330 -13.59 14.45 -14.67
N LEU A 331 -12.76 14.79 -13.68
CA LEU A 331 -13.21 15.57 -12.53
C LEU A 331 -13.40 17.05 -12.83
N PHE A 332 -12.43 17.64 -13.54
CA PHE A 332 -12.52 19.06 -13.86
C PHE A 332 -12.71 19.31 -15.34
N SER A 333 -13.48 20.33 -15.66
CA SER A 333 -13.72 20.70 -17.05
C SER A 333 -13.27 22.15 -17.20
N GLN A 334 -12.80 22.72 -16.09
CA GLN A 334 -12.32 24.10 -16.04
C GLN A 334 -10.81 24.15 -15.86
N PRO A 335 -10.21 25.33 -16.04
CA PRO A 335 -8.75 25.47 -15.88
C PRO A 335 -8.33 25.23 -14.44
N ILE A 336 -7.24 24.48 -14.28
CA ILE A 336 -6.73 24.19 -12.95
C ILE A 336 -5.25 24.49 -12.90
N THR A 337 -4.73 24.61 -11.70
CA THR A 337 -3.32 24.85 -11.48
C THR A 337 -2.75 23.53 -11.01
N VAL A 338 -1.60 23.15 -11.53
CA VAL A 338 -0.97 21.92 -11.10
C VAL A 338 0.41 22.25 -10.58
N ILE A 339 0.65 21.88 -9.33
CA ILE A 339 1.94 22.11 -8.70
C ILE A 339 2.57 20.73 -8.68
N ALA A 340 3.76 20.61 -9.27
CA ALA A 340 4.45 19.34 -9.35
C ALA A 340 5.88 19.33 -8.84
N GLY A 341 6.15 18.43 -7.88
CA GLY A 341 7.49 18.29 -7.34
C GLY A 341 7.88 16.85 -7.60
N ILE A 342 8.75 16.62 -8.57
CA ILE A 342 9.15 15.27 -8.93
C ILE A 342 10.59 14.89 -8.56
N LEU A 343 10.86 13.60 -8.49
CA LEU A 343 12.19 13.08 -8.15
C LEU A 343 13.07 12.86 -9.38
N MET A 351 6.71 13.01 -18.06
CA MET A 351 5.74 13.28 -17.01
C MET A 351 5.73 14.77 -16.66
N ALA A 352 6.81 15.46 -16.97
CA ALA A 352 6.93 16.89 -16.68
C ALA A 352 6.41 17.70 -17.86
N ASP A 353 6.28 17.05 -19.01
CA ASP A 353 5.78 17.69 -20.23
C ASP A 353 4.35 17.26 -20.50
N ARG A 354 3.95 16.15 -19.88
CA ARG A 354 2.60 15.63 -20.03
C ARG A 354 1.67 16.52 -19.21
N LEU A 355 2.23 17.20 -18.22
CA LEU A 355 1.45 18.10 -17.37
C LEU A 355 1.39 19.49 -17.99
N THR A 356 2.56 20.03 -18.33
CA THR A 356 2.66 21.35 -18.93
C THR A 356 1.83 21.44 -20.19
N ALA A 357 1.69 20.31 -20.90
CA ALA A 357 0.93 20.27 -22.13
C ALA A 357 -0.53 19.91 -21.90
N ALA A 358 -0.86 19.51 -20.68
CA ALA A 358 -2.24 19.13 -20.36
C ALA A 358 -3.06 20.19 -19.64
N PHE A 359 -2.43 20.92 -18.73
CA PHE A 359 -3.16 21.94 -17.97
C PHE A 359 -2.73 23.38 -18.14
N SER A 360 -3.68 24.27 -17.84
CA SER A 360 -3.50 25.71 -17.92
C SER A 360 -2.22 26.12 -17.21
N THR A 361 -2.32 26.31 -15.89
CA THR A 361 -1.18 26.73 -15.08
C THR A 361 -0.46 25.53 -14.45
N VAL A 362 0.87 25.53 -14.57
CA VAL A 362 1.66 24.45 -14.02
C VAL A 362 2.94 24.96 -13.36
N TYR A 363 3.07 24.73 -12.05
CA TYR A 363 4.26 25.14 -11.33
C TYR A 363 5.10 23.92 -11.02
N LEU A 364 6.42 24.06 -11.17
CA LEU A 364 7.33 22.97 -10.89
C LEU A 364 8.19 23.41 -9.71
N VAL A 365 8.07 22.70 -8.60
CA VAL A 365 8.83 23.02 -7.39
C VAL A 365 9.66 21.82 -6.92
N PRO A 366 10.59 22.05 -5.98
CA PRO A 366 11.41 20.93 -5.50
C PRO A 366 10.62 20.05 -4.52
N VAL A 367 11.08 18.81 -4.37
CA VAL A 367 10.45 17.87 -3.46
C VAL A 367 11.03 18.12 -2.07
N PRO A 368 10.16 18.32 -1.07
CA PRO A 368 10.62 18.57 0.30
C PRO A 368 11.48 17.43 0.87
N GLY A 369 12.49 17.80 1.65
CA GLY A 369 13.37 16.80 2.25
C GLY A 369 14.12 15.97 1.22
N THR A 370 14.66 16.63 0.21
CA THR A 370 15.41 15.94 -0.84
C THR A 370 16.40 16.92 -1.49
N PRO A 371 17.55 16.43 -1.95
CA PRO A 371 18.51 17.32 -2.59
C PRO A 371 17.95 17.89 -3.88
N ARG A 372 18.24 19.15 -4.16
CA ARG A 372 17.78 19.79 -5.39
C ARG A 372 18.91 19.70 -6.41
N ALA A 373 18.80 18.74 -7.33
CA ALA A 373 19.81 18.53 -8.36
C ALA A 373 19.59 19.46 -9.54
N LEU A 374 20.41 19.28 -10.59
CA LEU A 374 20.31 20.09 -11.80
C LEU A 374 19.64 19.29 -12.92
N ARG A 386 7.46 28.63 -14.61
CA ARG A 386 6.89 27.51 -13.88
C ARG A 386 7.68 27.23 -12.60
N LEU A 387 8.93 27.68 -12.58
CA LEU A 387 9.80 27.45 -11.44
C LEU A 387 9.53 28.29 -10.21
N LYS A 388 9.43 27.61 -9.06
CA LYS A 388 9.20 28.22 -7.76
C LYS A 388 10.08 27.45 -6.78
N ASP A 389 10.48 28.11 -5.69
CA ASP A 389 11.35 27.47 -4.71
C ASP A 389 10.65 26.55 -3.72
N SER A 390 9.33 26.39 -3.86
CA SER A 390 8.60 25.50 -2.96
C SER A 390 7.11 25.44 -3.32
N TRP A 391 6.44 24.39 -2.85
CA TRP A 391 5.03 24.24 -3.13
C TRP A 391 4.26 25.39 -2.48
N GLN A 392 4.71 25.86 -1.33
CA GLN A 392 4.04 26.97 -0.64
C GLN A 392 4.01 28.22 -1.51
N GLU A 393 5.15 28.55 -2.10
CA GLU A 393 5.25 29.72 -2.97
C GLU A 393 4.35 29.54 -4.18
N ALA A 394 4.26 28.30 -4.67
CA ALA A 394 3.43 28.01 -5.82
C ALA A 394 1.96 28.13 -5.43
N LEU A 395 1.65 27.62 -4.24
CA LEU A 395 0.29 27.66 -3.73
C LEU A 395 -0.19 29.09 -3.52
N ALA A 396 0.62 29.90 -2.82
CA ALA A 396 0.27 31.29 -2.54
C ALA A 396 0.14 32.12 -3.82
N ALA A 397 1.01 31.85 -4.80
CA ALA A 397 0.96 32.59 -6.06
C ALA A 397 -0.34 32.32 -6.79
N SER A 398 -0.71 31.04 -6.89
CA SER A 398 -1.95 30.67 -7.58
C SER A 398 -3.19 31.21 -6.86
N LEU A 399 -3.21 31.05 -5.54
CA LEU A 399 -4.36 31.52 -4.76
C LEU A 399 -4.48 33.04 -4.80
N ASN A 400 -3.34 33.71 -4.97
CA ASN A 400 -3.34 35.18 -5.03
C ASN A 400 -3.74 35.65 -6.43
N ASP A 401 -3.24 34.96 -7.45
CA ASP A 401 -3.54 35.33 -8.84
C ASP A 401 -4.95 34.96 -9.27
N VAL A 402 -5.35 33.73 -8.97
CA VAL A 402 -6.68 33.23 -9.34
C VAL A 402 -7.28 32.37 -8.22
N PRO A 403 -7.78 33.01 -7.16
CA PRO A 403 -8.39 32.40 -5.97
C PRO A 403 -9.38 31.27 -6.23
N ASP A 404 -10.24 31.44 -7.23
CA ASP A 404 -11.24 30.46 -7.55
C ASP A 404 -10.73 29.29 -8.40
N GLN A 405 -9.46 29.33 -8.78
CA GLN A 405 -8.90 28.25 -9.58
C GLN A 405 -8.40 27.09 -8.70
N PRO A 406 -8.89 25.87 -8.96
CA PRO A 406 -8.49 24.69 -8.19
C PRO A 406 -7.00 24.39 -8.35
N ILE A 407 -6.40 23.83 -7.30
CA ILE A 407 -5.01 23.47 -7.33
C ILE A 407 -4.83 21.98 -7.06
N VAL A 408 -4.01 21.35 -7.89
CA VAL A 408 -3.70 19.95 -7.75
C VAL A 408 -2.21 19.86 -7.48
N ILE A 409 -1.85 19.25 -6.37
CA ILE A 409 -0.46 19.11 -5.98
C ILE A 409 -0.10 17.63 -6.08
N THR A 410 0.94 17.33 -6.87
CA THR A 410 1.35 15.95 -7.09
C THR A 410 2.85 15.86 -7.44
N GLY A 411 3.27 14.72 -7.99
CA GLY A 411 4.66 14.57 -8.39
C GLY A 411 5.51 13.56 -7.64
N SER A 412 5.41 13.55 -6.31
CA SER A 412 6.19 12.63 -5.50
C SER A 412 5.36 12.13 -4.33
N LEU A 413 6.04 11.62 -3.31
CA LEU A 413 5.36 11.11 -2.13
C LEU A 413 5.71 11.95 -0.93
N TYR A 414 6.96 12.41 -0.87
CA TYR A 414 7.38 13.23 0.25
C TYR A 414 6.62 14.56 0.21
N LEU A 415 6.33 15.04 -1.00
CA LEU A 415 5.60 16.30 -1.16
C LEU A 415 4.16 16.13 -0.71
N ALA A 416 3.51 15.08 -1.19
CA ALA A 416 2.12 14.79 -0.83
C ALA A 416 1.90 14.84 0.68
N SER A 417 2.71 14.10 1.43
CA SER A 417 2.57 14.06 2.89
C SER A 417 3.01 15.37 3.52
N ALA A 418 3.95 16.05 2.87
CA ALA A 418 4.42 17.33 3.38
C ALA A 418 3.24 18.31 3.31
N VAL A 419 2.59 18.36 2.17
CA VAL A 419 1.45 19.24 1.99
C VAL A 419 0.29 18.82 2.88
N ARG A 420 -0.02 17.53 2.87
CA ARG A 420 -1.12 17.01 3.67
C ARG A 420 -0.95 17.35 5.15
N GLN A 421 0.25 17.10 5.67
CA GLN A 421 0.56 17.36 7.07
C GLN A 421 0.46 18.85 7.39
N THR A 422 1.01 19.69 6.51
CA THR A 422 0.97 21.12 6.72
C THR A 422 -0.46 21.67 6.74
N LEU A 423 -1.25 21.26 5.76
CA LEU A 423 -2.62 21.74 5.64
C LEU A 423 -3.70 21.03 6.46
N LEU A 424 -3.38 19.86 7.04
CA LEU A 424 -4.39 19.14 7.82
C LEU A 424 -4.14 19.05 9.33
N GLY A 425 -2.89 19.23 9.75
CA GLY A 425 -2.60 19.16 11.18
C GLY A 425 -1.42 18.29 11.54
#